data_3FO0
#
_entry.id   3FO0
#
_cell.length_a   84.071
_cell.length_b   87.001
_cell.length_c   59.419
_cell.angle_alpha   90.00
_cell.angle_beta   90.00
_cell.angle_gamma   90.00
#
_symmetry.space_group_name_H-M   'P 21 21 2'
#
loop_
_entity.id
_entity.type
_entity.pdbx_description
1 polymer 'Catalytic antibody Fab 13G5 kappa light chain chimera'
2 polymer 'Catalytic antibody Fab 13G5 IgG2b heavy chain chimera'
3 non-polymer '5-[(2-AMINO-1H-BENZIMIDAZOL-6-YL)AMINO]-5-OXOPENTANOIC ACID'
4 non-polymer GLYCEROL
5 water water
#
loop_
_entity_poly.entity_id
_entity_poly.type
_entity_poly.pdbx_seq_one_letter_code
_entity_poly.pdbx_strand_id
1 'polypeptide(L)'
;ELVMTQTPLSLPVSLGDQASISCRSSQSIVHSNGNTYLEWYLQKPGQSPKLLIYKVSNRFSGVPDRFSGSGSGTDFTLKI
NRVEAEDLGVYYCFQGSHLPPTFGGGTKLEIKRTVAAPSVFIFPPSDEQLKSGTASVVCLLNNFYPREAKVQWKVDNALQ
SGNSQESVTEQDSKDSTYSLSSTLTLSKADYEKHKVYACEVTHQGLSSPVTKSFNRGEC
;
L
2 'polypeptide(L)'
;DVQLLESGPGLVAPSQSLSITCTVSGFSLTNYGVDWVRQPPGKGLEWVGVIWSGGSTNYNSALMSRLSISKDNSKSQVFL
KMNSLQTDDTAVYYCAKHWGGYYIPYGMDHWGQGTTVTVSSASTKGPSVFPLAPSSKSTSGGTAALGCLVKDYFPEPVTV
SWNSGALTSGVHTFPAVLQSSGLYSLSSVVTVPSSSLGTQTYICNVNHKPSNTKVDKKVEPKSCDKTHT
;
H
#
loop_
_chem_comp.id
_chem_comp.type
_chem_comp.name
_chem_comp.formula
BZH non-polymer '5-[(2-AMINO-1H-BENZIMIDAZOL-6-YL)AMINO]-5-OXOPENTANOIC ACID' 'C12 H14 N4 O3'
GOL non-polymer GLYCEROL 'C3 H8 O3'
#
# COMPACT_ATOMS: atom_id res chain seq x y z
N GLU A 1 -26.36 -2.66 15.49
CA GLU A 1 -25.01 -2.58 14.84
C GLU A 1 -25.05 -3.22 13.45
N LEU A 2 -25.05 -2.36 12.44
CA LEU A 2 -25.16 -2.76 11.06
C LEU A 2 -23.88 -3.43 10.54
N VAL A 3 -24.04 -4.58 9.89
CA VAL A 3 -22.92 -5.24 9.22
C VAL A 3 -23.07 -5.11 7.71
N MET A 4 -21.95 -4.87 7.02
CA MET A 4 -21.97 -4.82 5.57
C MET A 4 -21.20 -6.01 5.03
N THR A 5 -21.89 -6.86 4.27
CA THR A 5 -21.28 -8.08 3.74
C THR A 5 -21.01 -7.95 2.28
N GLN A 6 -19.73 -7.83 1.94
CA GLN A 6 -19.26 -7.75 0.57
C GLN A 6 -18.71 -9.06 0.08
N THR A 7 -19.28 -9.56 -1.02
CA THR A 7 -18.69 -10.67 -1.78
C THR A 7 -18.49 -10.27 -3.23
N PRO A 8 -17.56 -10.94 -3.93
CA PRO A 8 -16.63 -11.90 -3.35
C PRO A 8 -15.44 -11.16 -2.74
N LEU A 9 -14.59 -11.88 -2.01
CA LEU A 9 -13.38 -11.27 -1.45
C LEU A 9 -12.39 -10.89 -2.56
N SER A 10 -12.16 -11.80 -3.51
CA SER A 10 -11.31 -11.53 -4.66
C SER A 10 -12.07 -11.78 -5.96
N LEU A 11 -11.89 -10.87 -6.91
CA LEU A 11 -12.62 -10.92 -8.18
C LEU A 11 -11.70 -10.81 -9.40
N PRO A 12 -11.21 -11.98 -9.88
CA PRO A 12 -10.40 -12.02 -11.11
C PRO A 12 -11.28 -11.75 -12.33
N VAL A 13 -10.84 -10.85 -13.19
CA VAL A 13 -11.64 -10.50 -14.36
C VAL A 13 -10.73 -10.19 -15.55
N SER A 14 -11.09 -10.73 -16.71
CA SER A 14 -10.38 -10.42 -17.95
C SER A 14 -10.60 -8.97 -18.36
N LEU A 15 -9.59 -8.37 -18.99
CA LEU A 15 -9.71 -7.01 -19.55
C LEU A 15 -10.87 -6.90 -20.53
N GLY A 16 -11.73 -5.93 -20.30
CA GLY A 16 -12.88 -5.69 -21.16
C GLY A 16 -14.15 -6.44 -20.77
N ASP A 17 -14.03 -7.38 -19.83
CA ASP A 17 -15.20 -8.11 -19.32
C ASP A 17 -15.95 -7.26 -18.30
N GLN A 18 -17.07 -7.80 -17.81
CA GLN A 18 -17.84 -7.13 -16.79
C GLN A 18 -17.53 -7.68 -15.41
N ALA A 19 -17.51 -6.79 -14.43
CA ALA A 19 -17.30 -7.16 -13.03
C ALA A 19 -18.46 -6.65 -12.17
N SER A 20 -18.98 -7.56 -11.36
CA SER A 20 -20.13 -7.32 -10.52
C SER A 20 -19.75 -7.60 -9.06
N ILE A 21 -19.88 -6.58 -8.22
CA ILE A 21 -19.61 -6.66 -6.79
C ILE A 21 -20.86 -6.43 -5.95
N SER A 22 -21.02 -7.25 -4.94
CA SER A 22 -22.23 -7.33 -4.13
C SER A 22 -21.97 -6.81 -2.71
N CYS A 23 -22.86 -5.94 -2.23
CA CYS A 23 -22.87 -5.46 -0.85
C CYS A 23 -24.27 -5.74 -0.26
N ARG A 24 -24.31 -6.54 0.81
CA ARG A 24 -25.56 -6.76 1.53
C ARG A 24 -25.46 -6.23 2.99
N SER A 25 -26.51 -5.54 3.42
CA SER A 25 -26.55 -4.95 4.74
C SER A 25 -27.48 -5.73 5.62
N SER A 26 -27.14 -5.86 6.90
CA SER A 26 -27.91 -6.75 7.80
C SER A 26 -29.31 -6.21 8.14
N GLN A 27 -29.54 -4.95 7.80
CA GLN A 27 -30.81 -4.27 7.95
C GLN A 27 -30.94 -3.31 6.79
N SER A 28 -32.14 -2.76 6.64
CA SER A 28 -32.40 -1.68 5.70
C SER A 28 -31.51 -0.49 6.00
N ILE A 29 -30.96 0.13 4.96
CA ILE A 29 -30.21 1.37 5.13
C ILE A 29 -30.94 2.56 4.49
N VAL A 30 -32.26 2.45 4.40
CA VAL A 30 -33.08 3.58 4.01
C VAL A 30 -33.27 4.43 5.26
N HIS A 31 -32.74 5.64 5.21
CA HIS A 31 -32.84 6.59 6.31
C HIS A 31 -34.30 6.99 6.46
N SER A 32 -34.66 7.39 7.67
CA SER A 32 -35.97 7.99 7.94
C SER A 32 -36.30 9.17 7.02
N ASN A 33 -35.30 9.82 6.43
CA ASN A 33 -35.57 10.91 5.48
C ASN A 33 -35.82 10.46 4.04
N GLY A 34 -35.80 9.15 3.80
CA GLY A 34 -36.04 8.59 2.46
C GLY A 34 -34.78 8.34 1.63
N ASN A 35 -33.69 9.03 1.95
CA ASN A 35 -32.41 8.73 1.30
C ASN A 35 -31.79 7.48 1.81
N THR A 36 -31.01 6.84 0.96
CA THR A 36 -30.20 5.70 1.37
C THR A 36 -28.72 5.98 1.08
N TYR A 37 -27.95 6.13 2.17
CA TYR A 37 -26.58 6.63 2.09
C TYR A 37 -25.56 5.53 1.95
N LEU A 38 -25.43 5.05 0.73
CA LEU A 38 -24.49 4.00 0.40
C LEU A 38 -23.53 4.48 -0.64
N GLU A 39 -22.24 4.39 -0.32
CA GLU A 39 -21.14 4.84 -1.18
C GLU A 39 -20.25 3.66 -1.57
N TRP A 40 -19.59 3.81 -2.71
CA TRP A 40 -18.54 2.90 -3.12
C TRP A 40 -17.22 3.62 -3.31
N TYR A 41 -16.17 3.03 -2.75
CA TYR A 41 -14.80 3.56 -2.81
C TYR A 41 -13.85 2.56 -3.43
N LEU A 42 -12.94 3.10 -4.24
CA LEU A 42 -11.80 2.37 -4.81
C LEU A 42 -10.52 2.76 -4.07
N GLN A 43 -9.77 1.77 -3.62
CA GLN A 43 -8.42 2.04 -3.18
C GLN A 43 -7.43 1.30 -4.08
N LYS A 44 -6.71 2.07 -4.89
CA LYS A 44 -5.69 1.54 -5.77
C LYS A 44 -4.40 1.32 -4.99
N PRO A 45 -3.49 0.48 -5.50
CA PRO A 45 -2.18 0.27 -4.87
C PRO A 45 -1.41 1.55 -4.57
N GLY A 46 -0.96 1.68 -3.32
CA GLY A 46 -0.22 2.84 -2.86
C GLY A 46 -1.02 4.14 -2.93
N GLN A 47 -2.33 4.06 -2.77
CA GLN A 47 -3.13 5.27 -2.86
C GLN A 47 -4.17 5.26 -1.77
N SER A 48 -4.67 6.44 -1.44
CA SER A 48 -5.81 6.59 -0.56
C SER A 48 -7.12 6.18 -1.27
N PRO A 49 -8.16 5.79 -0.49
CA PRO A 49 -9.48 5.52 -1.07
C PRO A 49 -10.03 6.67 -1.91
N LYS A 50 -10.67 6.34 -3.03
CA LYS A 50 -11.33 7.36 -3.82
C LYS A 50 -12.82 7.05 -4.02
N LEU A 51 -13.65 8.09 -3.93
CA LEU A 51 -15.09 7.97 -4.07
C LEU A 51 -15.52 7.78 -5.52
N LEU A 52 -16.34 6.76 -5.75
CA LEU A 52 -16.87 6.47 -7.09
C LEU A 52 -18.37 6.75 -7.17
N ILE A 53 -19.12 6.22 -6.21
CA ILE A 53 -20.59 6.17 -6.20
C ILE A 53 -21.10 6.63 -4.84
N TYR A 54 -22.11 7.49 -4.83
CA TYR A 54 -22.71 7.91 -3.58
C TYR A 54 -24.21 7.80 -3.67
N LYS A 55 -24.87 7.59 -2.53
CA LYS A 55 -26.32 7.48 -2.50
C LYS A 55 -26.79 6.43 -3.49
N VAL A 56 -26.15 5.27 -3.40
CA VAL A 56 -26.50 4.08 -4.18
C VAL A 56 -26.08 4.14 -5.66
N SER A 57 -26.51 5.16 -6.40
CA SER A 57 -26.29 5.10 -7.84
C SER A 57 -25.76 6.36 -8.52
N ASN A 58 -25.41 7.38 -7.76
CA ASN A 58 -24.89 8.61 -8.38
C ASN A 58 -23.37 8.56 -8.56
N ARG A 59 -22.91 8.79 -9.78
CA ARG A 59 -21.48 8.82 -10.04
C ARG A 59 -20.82 10.09 -9.51
N PHE A 60 -19.70 9.92 -8.81
CA PHE A 60 -18.94 11.09 -8.40
C PHE A 60 -18.25 11.71 -9.64
N SER A 61 -18.10 13.03 -9.65
CA SER A 61 -17.59 13.74 -10.83
C SER A 61 -16.19 13.28 -11.19
N GLY A 62 -16.00 12.93 -12.46
CA GLY A 62 -14.71 12.42 -12.95
C GLY A 62 -14.69 10.89 -12.99
N VAL A 63 -15.67 10.25 -12.36
CA VAL A 63 -15.82 8.81 -12.50
C VAL A 63 -16.47 8.42 -13.86
N PRO A 64 -15.79 7.57 -14.65
CA PRO A 64 -16.28 7.16 -15.98
C PRO A 64 -17.59 6.38 -15.90
N ASP A 65 -18.30 6.36 -17.03
CA ASP A 65 -19.63 5.73 -17.16
C ASP A 65 -19.66 4.20 -17.00
N ARG A 66 -18.50 3.56 -17.15
CA ARG A 66 -18.38 2.12 -17.03
C ARG A 66 -18.78 1.70 -15.62
N PHE A 67 -18.76 2.65 -14.68
CA PHE A 67 -19.09 2.39 -13.26
C PHE A 67 -20.53 2.72 -12.95
N SER A 68 -21.29 1.72 -12.53
CA SER A 68 -22.66 1.99 -12.06
C SER A 68 -23.06 1.22 -10.80
N GLY A 69 -23.66 1.97 -9.87
CA GLY A 69 -24.21 1.41 -8.63
C GLY A 69 -25.70 1.24 -8.78
N SER A 70 -26.25 0.20 -8.14
CA SER A 70 -27.69 -0.01 -8.06
C SER A 70 -28.09 -0.76 -6.80
N GLY A 71 -29.38 -1.01 -6.64
CA GLY A 71 -29.90 -1.68 -5.48
C GLY A 71 -30.77 -0.77 -4.63
N SER A 72 -31.33 -1.36 -3.57
CA SER A 72 -32.16 -0.65 -2.60
C SER A 72 -32.43 -1.57 -1.41
N GLY A 73 -32.76 -0.96 -0.27
CA GLY A 73 -33.06 -1.71 0.94
C GLY A 73 -31.81 -2.30 1.56
N THR A 74 -31.59 -3.60 1.31
CA THR A 74 -30.41 -4.32 1.81
C THR A 74 -29.46 -4.81 0.72
N ASP A 75 -29.97 -5.08 -0.49
CA ASP A 75 -29.17 -5.62 -1.59
C ASP A 75 -28.65 -4.51 -2.49
N PHE A 76 -27.33 -4.39 -2.64
CA PHE A 76 -26.69 -3.41 -3.52
C PHE A 76 -25.56 -3.98 -4.38
N THR A 77 -25.30 -3.36 -5.52
CA THR A 77 -24.41 -3.91 -6.54
C THR A 77 -23.61 -2.79 -7.19
N LEU A 78 -22.31 -3.03 -7.35
CA LEU A 78 -21.48 -2.19 -8.22
C LEU A 78 -21.10 -2.99 -9.48
N LYS A 79 -21.34 -2.40 -10.65
CA LYS A 79 -21.04 -3.03 -11.93
C LYS A 79 -20.04 -2.19 -12.69
N ILE A 80 -18.99 -2.86 -13.17
CA ILE A 80 -17.98 -2.21 -13.98
C ILE A 80 -17.98 -2.90 -15.32
N ASN A 81 -18.47 -2.19 -16.33
CA ASN A 81 -18.48 -2.69 -17.68
C ASN A 81 -17.12 -2.43 -18.32
N ARG A 82 -16.70 -3.36 -19.18
CA ARG A 82 -15.42 -3.24 -19.88
C ARG A 82 -14.32 -2.84 -18.89
N VAL A 83 -14.01 -3.72 -17.94
CA VAL A 83 -12.91 -3.49 -17.00
C VAL A 83 -11.61 -3.09 -17.72
N GLU A 84 -11.00 -2.01 -17.24
CA GLU A 84 -9.73 -1.47 -17.75
C GLU A 84 -8.62 -1.81 -16.75
N ALA A 85 -7.38 -1.84 -17.22
CA ALA A 85 -6.24 -2.07 -16.31
C ALA A 85 -6.26 -1.13 -15.08
N GLU A 86 -6.52 0.17 -15.30
CA GLU A 86 -6.58 1.17 -14.22
C GLU A 86 -7.65 0.93 -13.12
N ASP A 87 -8.62 0.07 -13.38
CA ASP A 87 -9.70 -0.27 -12.42
C ASP A 87 -9.26 -1.21 -11.29
N LEU A 88 -8.00 -1.62 -11.34
CA LEU A 88 -7.43 -2.57 -10.39
C LEU A 88 -7.32 -1.98 -8.98
N GLY A 89 -7.69 -2.77 -7.97
CA GLY A 89 -7.61 -2.36 -6.57
C GLY A 89 -8.68 -3.00 -5.69
N VAL A 90 -8.96 -2.36 -4.56
CA VAL A 90 -9.94 -2.90 -3.62
C VAL A 90 -11.12 -1.97 -3.47
N TYR A 91 -12.29 -2.48 -3.78
CA TYR A 91 -13.51 -1.75 -3.64
C TYR A 91 -14.12 -2.06 -2.28
N TYR A 92 -14.62 -0.99 -1.66
CA TYR A 92 -15.33 -1.04 -0.38
C TYR A 92 -16.70 -0.36 -0.49
N CYS A 93 -17.74 -1.01 0.00
CA CYS A 93 -18.99 -0.27 0.18
C CYS A 93 -18.94 0.46 1.52
N PHE A 94 -19.84 1.42 1.72
CA PHE A 94 -19.90 2.24 2.94
C PHE A 94 -21.35 2.59 3.18
N GLN A 95 -21.75 2.48 4.43
CA GLN A 95 -23.14 2.64 4.85
C GLN A 95 -23.09 3.84 5.78
N GLY A 96 -23.92 4.84 5.54
CA GLY A 96 -23.92 6.04 6.38
C GLY A 96 -25.29 6.47 6.88
N SER A 97 -26.26 5.57 6.76
CA SER A 97 -27.62 5.87 7.23
C SER A 97 -27.74 5.69 8.73
N HIS A 98 -26.94 4.78 9.28
CA HIS A 98 -27.06 4.33 10.66
C HIS A 98 -25.75 4.52 11.43
N LEU A 99 -25.84 5.06 12.64
CA LEU A 99 -24.71 5.17 13.57
C LEU A 99 -24.52 3.82 14.20
N PRO A 100 -23.27 3.30 14.20
CA PRO A 100 -22.11 3.90 13.54
C PRO A 100 -22.00 3.45 12.09
N PRO A 101 -21.47 4.32 11.23
CA PRO A 101 -21.27 3.93 9.85
C PRO A 101 -20.21 2.84 9.71
N THR A 102 -20.35 1.99 8.70
CA THR A 102 -19.40 0.90 8.51
C THR A 102 -19.07 0.68 7.03
N PHE A 103 -17.84 0.23 6.80
CA PHE A 103 -17.40 -0.32 5.51
C PHE A 103 -17.66 -1.80 5.43
N GLY A 104 -17.91 -2.28 4.20
CA GLY A 104 -17.88 -3.72 3.95
C GLY A 104 -16.45 -4.23 4.02
N GLY A 105 -16.29 -5.53 3.82
CA GLY A 105 -14.98 -6.19 3.96
C GLY A 105 -13.96 -5.77 2.91
N GLY A 106 -14.42 -5.35 1.74
CA GLY A 106 -13.57 -5.11 0.57
C GLY A 106 -13.60 -6.25 -0.45
N THR A 107 -13.58 -5.88 -1.72
CA THR A 107 -13.45 -6.84 -2.81
C THR A 107 -12.24 -6.44 -3.63
N LYS A 108 -11.31 -7.40 -3.79
CA LYS A 108 -10.11 -7.15 -4.58
C LYS A 108 -10.32 -7.56 -6.02
N LEU A 109 -10.18 -6.58 -6.92
CA LEU A 109 -10.21 -6.83 -8.35
C LEU A 109 -8.82 -7.13 -8.87
N GLU A 110 -8.57 -8.38 -9.24
CA GLU A 110 -7.38 -8.74 -10.03
C GLU A 110 -7.70 -8.76 -11.53
N ILE A 111 -6.76 -8.31 -12.36
CA ILE A 111 -6.97 -8.31 -13.81
C ILE A 111 -6.44 -9.55 -14.49
N LYS A 112 -7.23 -10.15 -15.38
CA LYS A 112 -6.78 -11.27 -16.18
C LYS A 112 -6.36 -10.82 -17.58
N ARG A 113 -5.04 -10.82 -17.79
CA ARG A 113 -4.42 -10.48 -19.07
C ARG A 113 -3.72 -11.71 -19.66
N THR A 114 -3.04 -11.51 -20.80
CA THR A 114 -2.24 -12.55 -21.44
C THR A 114 -0.98 -12.82 -20.63
N VAL A 115 -0.48 -14.06 -20.77
CA VAL A 115 0.76 -14.54 -20.17
C VAL A 115 1.94 -13.65 -20.59
N ALA A 116 2.81 -13.35 -19.65
CA ALA A 116 4.01 -12.55 -19.89
C ALA A 116 5.13 -13.10 -19.06
N ALA A 117 6.24 -13.42 -19.72
CA ALA A 117 7.37 -14.05 -19.05
C ALA A 117 8.12 -13.00 -18.27
N PRO A 118 8.71 -13.37 -17.12
CA PRO A 118 9.51 -12.37 -16.43
C PRO A 118 10.88 -12.18 -17.08
N SER A 119 11.45 -10.99 -16.93
CA SER A 119 12.89 -10.81 -17.20
C SER A 119 13.59 -10.98 -15.85
N VAL A 120 14.65 -11.79 -15.84
CA VAL A 120 15.36 -12.11 -14.60
C VAL A 120 16.72 -11.41 -14.51
N PHE A 121 17.00 -10.82 -13.35
CA PHE A 121 18.29 -10.22 -13.05
C PHE A 121 18.73 -10.70 -11.68
N ILE A 122 20.04 -10.92 -11.53
CA ILE A 122 20.63 -11.32 -10.27
C ILE A 122 21.64 -10.28 -9.86
N PHE A 123 21.66 -9.95 -8.57
CA PHE A 123 22.62 -8.99 -8.04
C PHE A 123 23.45 -9.61 -6.93
N PRO A 124 24.79 -9.47 -7.03
CA PRO A 124 25.73 -9.87 -6.00
C PRO A 124 25.69 -8.89 -4.82
N PRO A 125 26.11 -9.35 -3.63
CA PRO A 125 26.23 -8.43 -2.49
C PRO A 125 27.11 -7.23 -2.86
N SER A 126 26.77 -6.04 -2.37
CA SER A 126 27.61 -4.87 -2.60
C SER A 126 28.86 -4.97 -1.73
N ASP A 127 29.96 -4.37 -2.18
CA ASP A 127 31.19 -4.35 -1.38
C ASP A 127 31.03 -3.65 -0.04
N GLU A 128 30.12 -2.69 0.02
CA GLU A 128 29.80 -2.02 1.28
C GLU A 128 29.12 -2.97 2.25
N GLN A 129 28.28 -3.87 1.74
CA GLN A 129 27.55 -4.78 2.61
C GLN A 129 28.47 -5.86 3.20
N LEU A 130 29.35 -6.39 2.36
CA LEU A 130 30.31 -7.38 2.78
C LEU A 130 31.24 -6.81 3.84
N LYS A 131 31.61 -5.54 3.67
CA LYS A 131 32.48 -4.83 4.59
C LYS A 131 31.76 -4.35 5.84
N SER A 132 30.74 -5.12 6.25
CA SER A 132 30.07 -4.95 7.55
C SER A 132 29.51 -6.30 8.07
N GLY A 133 29.75 -7.38 7.31
CA GLY A 133 29.47 -8.75 7.79
C GLY A 133 28.21 -9.50 7.38
N THR A 134 27.53 -9.03 6.32
CA THR A 134 26.34 -9.73 5.83
C THR A 134 26.26 -9.66 4.30
N ALA A 135 25.92 -10.78 3.68
CA ALA A 135 25.75 -10.89 2.23
C ALA A 135 24.28 -11.05 1.82
N SER A 136 23.75 -10.08 1.09
CA SER A 136 22.42 -10.20 0.51
C SER A 136 22.51 -10.36 -1.00
N VAL A 137 22.15 -11.56 -1.49
CA VAL A 137 22.04 -11.81 -2.92
C VAL A 137 20.58 -11.60 -3.36
N VAL A 138 20.37 -10.69 -4.30
CA VAL A 138 19.04 -10.33 -4.71
C VAL A 138 18.74 -10.85 -6.12
N CYS A 139 17.54 -11.40 -6.28
CA CYS A 139 17.10 -11.89 -7.57
C CYS A 139 15.80 -11.21 -7.94
N LEU A 140 15.74 -10.62 -9.13
CA LEU A 140 14.58 -9.83 -9.55
C LEU A 140 13.89 -10.47 -10.74
N LEU A 141 12.58 -10.67 -10.60
CA LEU A 141 11.69 -11.11 -11.67
C LEU A 141 10.79 -9.95 -12.03
N ASN A 142 10.99 -9.39 -13.21
CA ASN A 142 10.32 -8.14 -13.60
C ASN A 142 9.16 -8.35 -14.59
N ASN A 143 8.03 -7.69 -14.30
CA ASN A 143 6.86 -7.59 -15.22
C ASN A 143 6.43 -8.93 -15.82
N PHE A 144 5.73 -9.72 -15.03
CA PHE A 144 5.22 -11.00 -15.49
C PHE A 144 3.73 -11.17 -15.22
N TYR A 145 3.08 -12.09 -15.92
CA TYR A 145 1.74 -12.57 -15.61
C TYR A 145 1.62 -14.06 -16.01
N PRO A 146 0.94 -14.90 -15.19
CA PRO A 146 0.23 -14.66 -13.93
C PRO A 146 1.19 -14.51 -12.73
N ARG A 147 0.64 -14.40 -11.52
CA ARG A 147 1.45 -14.15 -10.31
C ARG A 147 2.30 -15.38 -9.87
N GLU A 148 1.78 -16.57 -10.08
CA GLU A 148 2.47 -17.79 -9.66
C GLU A 148 3.83 -17.96 -10.35
N ALA A 149 4.87 -18.11 -9.54
CA ALA A 149 6.25 -18.18 -10.03
C ALA A 149 7.16 -18.76 -8.97
N LYS A 150 7.96 -19.75 -9.37
CA LYS A 150 8.90 -20.45 -8.51
C LYS A 150 10.33 -19.92 -8.68
N VAL A 151 10.92 -19.42 -7.59
CA VAL A 151 12.30 -18.97 -7.53
C VAL A 151 13.10 -19.83 -6.56
N GLN A 152 14.11 -20.55 -7.08
CA GLN A 152 14.97 -21.40 -6.27
C GLN A 152 16.41 -20.90 -6.28
N TRP A 153 17.05 -20.93 -5.11
CA TRP A 153 18.46 -20.55 -4.99
C TRP A 153 19.38 -21.78 -4.98
N LYS A 154 20.43 -21.72 -5.80
CA LYS A 154 21.43 -22.76 -5.82
C LYS A 154 22.80 -22.14 -5.52
N VAL A 155 23.47 -22.67 -4.49
CA VAL A 155 24.81 -22.20 -4.07
C VAL A 155 25.82 -23.31 -4.33
N ASP A 156 26.61 -23.15 -5.40
CA ASP A 156 27.50 -24.19 -5.90
C ASP A 156 26.70 -25.43 -6.29
N ASN A 157 25.48 -25.19 -6.77
CA ASN A 157 24.49 -26.24 -7.09
C ASN A 157 23.79 -26.88 -5.88
N ALA A 158 24.13 -26.45 -4.67
CA ALA A 158 23.36 -26.82 -3.49
C ALA A 158 22.08 -25.98 -3.43
N LEU A 159 20.95 -26.66 -3.55
CA LEU A 159 19.62 -26.08 -3.46
C LEU A 159 19.40 -25.57 -2.02
N GLN A 160 19.16 -24.26 -1.90
CA GLN A 160 19.05 -23.60 -0.59
C GLN A 160 17.62 -23.63 -0.06
N SER A 161 17.47 -23.65 1.27
CA SER A 161 16.16 -23.53 1.90
C SER A 161 16.23 -22.85 3.26
N GLY A 162 15.18 -22.07 3.58
CA GLY A 162 15.04 -21.41 4.88
C GLY A 162 15.78 -20.09 5.04
N ASN A 163 16.63 -19.78 4.06
CA ASN A 163 17.52 -18.63 4.16
C ASN A 163 17.26 -17.54 3.13
N SER A 164 16.01 -17.45 2.67
CA SER A 164 15.63 -16.41 1.70
C SER A 164 14.20 -15.91 1.91
N GLN A 165 13.89 -14.75 1.32
CA GLN A 165 12.59 -14.10 1.48
C GLN A 165 12.13 -13.46 0.18
N GLU A 166 10.83 -13.54 -0.08
CA GLU A 166 10.20 -13.03 -1.30
C GLU A 166 9.30 -11.83 -1.03
N SER A 167 9.21 -10.97 -2.04
CA SER A 167 8.35 -9.80 -2.00
C SER A 167 7.81 -9.56 -3.42
N VAL A 168 6.48 -9.45 -3.52
CA VAL A 168 5.83 -9.29 -4.82
C VAL A 168 5.13 -7.95 -4.79
N THR A 169 5.19 -7.22 -5.91
CA THR A 169 4.47 -5.95 -6.01
C THR A 169 2.98 -6.23 -6.17
N GLU A 170 2.18 -5.19 -5.97
CA GLU A 170 0.80 -5.21 -6.37
C GLU A 170 0.76 -5.31 -7.90
N GLN A 171 -0.40 -5.61 -8.48
CA GLN A 171 -0.50 -5.70 -9.92
C GLN A 171 -0.33 -4.29 -10.53
N ASP A 172 0.45 -4.20 -11.60
CA ASP A 172 0.74 -2.89 -12.20
C ASP A 172 -0.53 -2.32 -12.83
N SER A 173 -0.79 -1.03 -12.54
CA SER A 173 -1.95 -0.35 -13.06
C SER A 173 -1.92 -0.05 -14.55
N LYS A 174 -0.73 -0.11 -15.17
CA LYS A 174 -0.71 0.10 -16.65
C LYS A 174 -0.75 -1.18 -17.47
N ASP A 175 -0.09 -2.24 -17.02
CA ASP A 175 -0.13 -3.49 -17.78
C ASP A 175 -0.41 -4.73 -16.98
N SER A 176 -0.93 -4.57 -15.76
CA SER A 176 -1.48 -5.71 -15.03
C SER A 176 -0.47 -6.81 -14.82
N THR A 177 0.81 -6.44 -14.77
CA THR A 177 1.89 -7.37 -14.41
C THR A 177 2.32 -7.25 -12.96
N TYR A 178 2.96 -8.34 -12.51
CA TYR A 178 3.61 -8.42 -11.21
C TYR A 178 5.13 -8.38 -11.35
N SER A 179 5.81 -7.82 -10.37
CA SER A 179 7.24 -8.05 -10.21
C SER A 179 7.49 -8.65 -8.81
N LEU A 180 8.57 -9.41 -8.71
CA LEU A 180 8.95 -10.12 -7.51
C LEU A 180 10.45 -9.97 -7.25
N SER A 181 10.83 -9.89 -5.97
CA SER A 181 12.23 -9.96 -5.53
C SER A 181 12.41 -11.09 -4.52
N SER A 182 13.47 -11.88 -4.71
CA SER A 182 13.87 -12.89 -3.75
C SER A 182 15.27 -12.56 -3.24
N THR A 183 15.42 -12.53 -1.93
CA THR A 183 16.66 -12.09 -1.29
C THR A 183 17.26 -13.20 -0.44
N LEU A 184 18.49 -13.56 -0.77
CA LEU A 184 19.22 -14.63 -0.09
C LEU A 184 20.23 -14.01 0.88
N THR A 185 20.10 -14.36 2.15
CA THR A 185 20.86 -13.68 3.20
C THR A 185 21.85 -14.61 3.90
N LEU A 186 23.14 -14.31 3.75
CA LEU A 186 24.22 -15.10 4.34
C LEU A 186 25.20 -14.21 5.09
N SER A 187 25.76 -14.74 6.18
CA SER A 187 26.89 -14.08 6.82
C SER A 187 28.06 -14.06 5.84
N LYS A 188 28.82 -12.96 5.84
CA LYS A 188 30.02 -12.81 4.98
C LYS A 188 30.90 -14.06 4.97
N ALA A 189 31.11 -14.66 6.15
CA ALA A 189 31.88 -15.89 6.27
C ALA A 189 31.35 -16.99 5.34
N ASP A 190 30.06 -17.32 5.51
CA ASP A 190 29.43 -18.38 4.72
C ASP A 190 29.28 -18.06 3.24
N TYR A 191 29.33 -16.77 2.89
CA TYR A 191 29.25 -16.35 1.50
C TYR A 191 30.60 -16.54 0.84
N GLU A 192 31.64 -15.98 1.47
CA GLU A 192 33.01 -16.10 0.97
C GLU A 192 33.55 -17.52 1.06
N LYS A 193 32.68 -18.47 1.39
CA LYS A 193 33.04 -19.88 1.44
C LYS A 193 32.62 -20.62 0.14
N HIS A 194 31.93 -19.91 -0.76
CA HIS A 194 31.32 -20.55 -1.93
C HIS A 194 31.46 -19.72 -3.21
N LYS A 195 31.44 -20.43 -4.36
CA LYS A 195 31.84 -19.85 -5.66
C LYS A 195 30.67 -19.33 -6.50
N VAL A 196 29.77 -20.23 -6.87
CA VAL A 196 28.71 -19.95 -7.86
C VAL A 196 27.36 -19.71 -7.18
N TYR A 197 26.77 -18.55 -7.46
CA TYR A 197 25.45 -18.21 -6.93
C TYR A 197 24.43 -18.11 -8.06
N ALA A 198 23.35 -18.88 -7.92
CA ALA A 198 22.40 -19.06 -9.01
C ALA A 198 20.95 -18.88 -8.56
N CYS A 199 20.23 -18.05 -9.33
CA CYS A 199 18.81 -17.86 -9.13
C CYS A 199 18.13 -18.65 -10.24
N GLU A 200 17.24 -19.57 -9.86
CA GLU A 200 16.53 -20.39 -10.85
C GLU A 200 15.05 -20.10 -10.84
N VAL A 201 14.50 -19.82 -12.01
CA VAL A 201 13.16 -19.28 -12.12
C VAL A 201 12.24 -20.10 -13.02
N THR A 202 11.05 -20.39 -12.50
CA THR A 202 10.03 -21.16 -13.20
C THR A 202 8.75 -20.35 -13.34
N HIS A 203 8.23 -20.33 -14.57
CA HIS A 203 7.04 -19.58 -14.86
C HIS A 203 6.34 -20.04 -16.13
N GLN A 204 5.02 -19.91 -16.13
CA GLN A 204 4.17 -20.35 -17.22
C GLN A 204 4.54 -19.73 -18.56
N GLY A 205 5.12 -18.53 -18.54
CA GLY A 205 5.49 -17.84 -19.78
C GLY A 205 6.87 -18.22 -20.29
N LEU A 206 7.59 -19.01 -19.51
CA LEU A 206 8.91 -19.45 -19.92
C LEU A 206 8.78 -20.84 -20.47
N SER A 207 9.59 -21.17 -21.46
CA SER A 207 9.48 -22.50 -22.09
C SER A 207 10.21 -23.61 -21.31
N SER A 208 11.31 -23.25 -20.63
CA SER A 208 11.85 -24.06 -19.53
C SER A 208 12.46 -23.11 -18.50
N PRO A 209 12.77 -23.58 -17.27
CA PRO A 209 13.25 -22.68 -16.22
C PRO A 209 14.53 -21.94 -16.61
N VAL A 210 14.53 -20.62 -16.42
CA VAL A 210 15.67 -19.78 -16.73
C VAL A 210 16.50 -19.61 -15.47
N THR A 211 17.84 -19.67 -15.63
CA THR A 211 18.82 -19.47 -14.56
C THR A 211 19.72 -18.23 -14.79
N LYS A 212 19.73 -17.31 -13.84
CA LYS A 212 20.74 -16.25 -13.77
C LYS A 212 21.75 -16.59 -12.69
N SER A 213 23.03 -16.37 -12.98
CA SER A 213 24.10 -16.71 -12.03
C SER A 213 25.33 -15.78 -12.14
N PHE A 214 26.24 -15.92 -11.17
CA PHE A 214 27.54 -15.22 -11.14
C PHE A 214 28.54 -15.94 -10.22
N ASN A 215 29.84 -15.77 -10.49
CA ASN A 215 30.91 -16.28 -9.64
C ASN A 215 31.49 -15.15 -8.79
N ARG A 216 31.67 -15.40 -7.49
CA ARG A 216 32.09 -14.37 -6.53
C ARG A 216 33.55 -13.95 -6.70
N ASP B 1 -7.93 24.75 -3.82
CA ASP B 1 -7.02 23.56 -3.86
C ASP B 1 -7.13 22.76 -2.52
N VAL B 2 -8.09 21.83 -2.44
CA VAL B 2 -8.34 21.04 -1.20
C VAL B 2 -7.22 20.08 -0.85
N GLN B 3 -6.72 20.18 0.38
CA GLN B 3 -5.64 19.33 0.88
C GLN B 3 -5.87 18.91 2.32
N LEU B 4 -5.60 17.64 2.61
CA LEU B 4 -5.59 17.12 3.98
C LEU B 4 -4.31 16.35 4.21
N LEU B 5 -3.64 16.58 5.33
CA LEU B 5 -2.37 15.95 5.58
C LEU B 5 -2.20 15.57 7.06
N GLU B 6 -2.10 14.25 7.30
CA GLU B 6 -1.91 13.68 8.65
C GLU B 6 -0.46 13.82 9.17
N SER B 7 -0.34 14.05 10.47
CA SER B 7 0.94 14.22 11.20
C SER B 7 0.96 13.37 12.48
N GLY B 8 1.64 12.23 12.44
CA GLY B 8 1.67 11.33 13.59
C GLY B 8 3.08 11.10 14.08
N PRO B 9 3.22 10.37 15.22
CA PRO B 9 4.52 10.10 15.81
C PRO B 9 5.22 8.86 15.21
N GLY B 10 4.56 8.10 14.35
CA GLY B 10 5.26 6.96 13.73
C GLY B 10 5.36 5.71 14.59
N LEU B 11 5.96 5.83 15.78
CA LEU B 11 6.07 4.72 16.70
C LEU B 11 5.51 5.08 18.06
N VAL B 12 4.66 4.21 18.59
CA VAL B 12 4.12 4.35 19.95
C VAL B 12 4.22 3.03 20.73
N ALA B 13 4.67 3.12 21.97
CA ALA B 13 4.77 1.93 22.82
C ALA B 13 3.38 1.48 23.32
N PRO B 14 3.22 0.17 23.54
CA PRO B 14 1.96 -0.39 24.08
C PRO B 14 1.59 0.27 25.41
N SER B 15 0.29 0.46 25.63
CA SER B 15 -0.28 1.15 26.81
C SER B 15 -0.18 2.68 26.81
N GLN B 16 0.54 3.25 25.85
CA GLN B 16 0.75 4.71 25.81
C GLN B 16 -0.22 5.39 24.86
N SER B 17 -0.09 6.70 24.67
CA SER B 17 -1.08 7.45 23.92
C SER B 17 -0.70 7.84 22.49
N LEU B 18 -1.70 7.91 21.61
CA LEU B 18 -1.51 8.34 20.23
C LEU B 18 -2.13 9.73 19.97
N SER B 19 -1.37 10.64 19.34
CA SER B 19 -1.90 11.93 18.86
C SER B 19 -1.51 12.20 17.42
N ILE B 20 -2.52 12.25 16.55
CA ILE B 20 -2.32 12.55 15.14
C ILE B 20 -3.04 13.86 14.84
N THR B 21 -2.41 14.73 14.03
CA THR B 21 -3.02 16.00 13.57
C THR B 21 -3.29 15.94 12.07
N CYS B 22 -4.53 16.26 11.68
CA CYS B 22 -4.85 16.48 10.30
C CYS B 22 -4.86 17.99 10.06
N THR B 23 -3.95 18.46 9.22
CA THR B 23 -3.95 19.84 8.72
C THR B 23 -4.67 19.90 7.38
N VAL B 24 -5.64 20.79 7.35
CA VAL B 24 -6.63 20.87 6.32
C VAL B 24 -6.40 22.19 5.57
N SER B 25 -6.73 22.24 4.28
CA SER B 25 -6.44 23.41 3.48
C SER B 25 -7.32 23.47 2.24
N GLY B 26 -7.67 24.69 1.81
CA GLY B 26 -8.60 24.87 0.67
C GLY B 26 -10.07 24.72 1.03
N PHE B 27 -10.36 24.60 2.32
CA PHE B 27 -11.72 24.61 2.85
C PHE B 27 -11.76 24.98 4.32
N SER B 28 -12.96 25.27 4.81
CA SER B 28 -13.14 25.71 6.18
C SER B 28 -13.79 24.60 7.01
N LEU B 29 -13.13 24.24 8.12
CA LEU B 29 -13.67 23.21 9.06
C LEU B 29 -14.92 23.67 9.81
N THR B 30 -15.21 24.99 9.77
CA THR B 30 -16.50 25.51 10.25
C THR B 30 -17.65 24.95 9.42
N ASN B 31 -17.38 24.71 8.14
CA ASN B 31 -18.39 24.24 7.20
C ASN B 31 -18.35 22.75 6.93
N TYR B 32 -17.26 22.06 7.26
CA TYR B 32 -17.15 20.65 6.88
C TYR B 32 -16.82 19.66 8.00
N GLY B 33 -17.61 18.61 8.08
CA GLY B 33 -17.24 17.45 8.90
C GLY B 33 -16.01 16.77 8.32
N VAL B 34 -15.23 16.12 9.19
CA VAL B 34 -14.10 15.30 8.77
C VAL B 34 -14.21 13.96 9.47
N ASP B 35 -13.93 12.89 8.72
CA ASP B 35 -13.88 11.53 9.22
C ASP B 35 -12.44 11.11 9.49
N TRP B 36 -12.31 10.14 10.40
CA TRP B 36 -11.07 9.47 10.63
C TRP B 36 -11.32 8.01 10.31
N VAL B 37 -10.42 7.42 9.53
CA VAL B 37 -10.57 6.04 9.06
C VAL B 37 -9.21 5.39 9.20
N ARG B 38 -9.19 4.08 9.46
CA ARG B 38 -7.91 3.40 9.62
C ARG B 38 -7.86 2.04 8.91
N GLN B 39 -6.63 1.56 8.70
CA GLN B 39 -6.38 0.34 7.95
C GLN B 39 -5.20 -0.40 8.53
N PRO B 40 -5.46 -1.47 9.30
CA PRO B 40 -4.36 -2.29 9.77
C PRO B 40 -3.68 -2.98 8.58
N PRO B 41 -2.34 -3.11 8.60
CA PRO B 41 -1.61 -3.80 7.49
C PRO B 41 -2.35 -5.03 6.93
N GLY B 42 -2.53 -5.05 5.59
CA GLY B 42 -3.18 -6.17 4.91
C GLY B 42 -4.69 -6.36 5.08
N LYS B 43 -5.33 -5.52 5.90
CA LYS B 43 -6.75 -5.66 6.29
C LYS B 43 -7.62 -4.52 5.69
N GLY B 44 -8.95 -4.64 5.81
CA GLY B 44 -9.90 -3.67 5.23
C GLY B 44 -9.95 -2.30 5.91
N LEU B 45 -10.70 -1.36 5.31
CA LEU B 45 -10.90 -0.01 5.89
C LEU B 45 -11.84 -0.03 7.12
N GLU B 46 -11.43 0.61 8.22
CA GLU B 46 -12.28 0.75 9.42
C GLU B 46 -12.61 2.21 9.70
N TRP B 47 -13.90 2.54 9.78
CA TRP B 47 -14.36 3.84 10.27
C TRP B 47 -14.08 4.01 11.76
N VAL B 48 -13.47 5.14 12.10
CA VAL B 48 -12.96 5.35 13.46
C VAL B 48 -13.80 6.35 14.23
N GLY B 49 -14.14 7.48 13.61
CA GLY B 49 -14.87 8.54 14.27
C GLY B 49 -15.04 9.71 13.33
N VAL B 50 -15.74 10.74 13.79
CA VAL B 50 -16.06 11.90 12.96
C VAL B 50 -16.18 13.10 13.87
N ILE B 51 -15.85 14.27 13.35
CA ILE B 51 -16.15 15.52 14.00
C ILE B 51 -16.92 16.42 13.05
N TRP B 52 -18.17 16.66 13.41
CA TRP B 52 -19.11 17.46 12.62
C TRP B 52 -18.67 18.92 12.50
N SER B 53 -19.19 19.66 11.53
CA SER B 53 -18.77 21.07 11.42
C SER B 53 -18.93 21.86 12.73
N GLY B 54 -20.09 21.74 13.37
CA GLY B 54 -20.35 22.32 14.67
C GLY B 54 -19.49 21.91 15.86
N GLY B 55 -18.71 20.84 15.69
CA GLY B 55 -17.80 20.42 16.76
C GLY B 55 -18.17 19.20 17.61
N SER B 56 -19.38 18.66 17.41
CA SER B 56 -19.79 17.41 18.05
C SER B 56 -19.11 16.22 17.35
N THR B 57 -19.02 15.09 18.06
CA THR B 57 -18.30 13.93 17.56
C THR B 57 -19.13 12.67 17.69
N ASN B 58 -18.74 11.65 16.92
CA ASN B 58 -19.27 10.29 17.07
C ASN B 58 -18.15 9.29 16.88
N TYR B 59 -18.17 8.22 17.67
CA TYR B 59 -17.06 7.31 17.66
C TYR B 59 -17.43 5.90 17.29
N ASN B 60 -16.41 5.14 16.88
CA ASN B 60 -16.46 3.72 16.60
C ASN B 60 -16.84 2.94 17.86
N SER B 61 -17.78 1.99 17.75
CA SER B 61 -18.10 1.09 18.92
C SER B 61 -16.86 0.54 19.66
N ALA B 62 -15.96 -0.09 18.92
CA ALA B 62 -14.87 -0.86 19.51
C ALA B 62 -13.87 0.05 20.22
N LEU B 63 -13.69 1.26 19.72
CA LEU B 63 -12.60 2.11 20.20
C LEU B 63 -13.03 3.28 21.08
N MET B 64 -14.33 3.52 21.16
CA MET B 64 -14.86 4.77 21.72
C MET B 64 -14.51 5.09 23.17
N SER B 65 -14.29 4.07 24.00
CA SER B 65 -13.87 4.29 25.38
C SER B 65 -12.43 4.84 25.49
N ARG B 66 -11.65 4.71 24.41
CA ARG B 66 -10.24 5.11 24.36
C ARG B 66 -9.96 6.26 23.37
N LEU B 67 -11.01 6.72 22.70
CA LEU B 67 -10.89 7.64 21.58
C LEU B 67 -11.40 9.03 21.95
N SER B 68 -10.77 10.08 21.44
CA SER B 68 -11.42 11.41 21.39
C SER B 68 -10.89 12.29 20.27
N ILE B 69 -11.82 12.82 19.48
CA ILE B 69 -11.52 13.67 18.34
C ILE B 69 -11.90 15.10 18.66
N SER B 70 -11.00 16.04 18.38
CA SER B 70 -11.27 17.45 18.60
C SER B 70 -10.66 18.29 17.48
N LYS B 71 -10.86 19.61 17.51
CA LYS B 71 -10.39 20.43 16.40
C LYS B 71 -10.19 21.90 16.72
N ASP B 72 -9.51 22.58 15.80
CA ASP B 72 -9.26 24.02 15.91
C ASP B 72 -9.63 24.62 14.56
N ASN B 73 -10.75 25.34 14.51
CA ASN B 73 -11.29 25.82 13.24
C ASN B 73 -10.37 26.87 12.68
N SER B 74 -9.93 27.77 13.56
CA SER B 74 -9.07 28.89 13.20
C SER B 74 -7.74 28.40 12.67
N LYS B 75 -7.37 27.16 13.02
CA LYS B 75 -6.04 26.65 12.68
C LYS B 75 -6.07 25.60 11.60
N SER B 76 -7.25 25.24 11.10
CA SER B 76 -7.42 24.21 10.07
C SER B 76 -6.86 22.85 10.49
N GLN B 77 -7.13 22.48 11.74
CA GLN B 77 -6.57 21.27 12.30
C GLN B 77 -7.61 20.43 13.03
N VAL B 78 -7.46 19.13 12.90
CA VAL B 78 -8.29 18.13 13.57
C VAL B 78 -7.36 17.16 14.26
N PHE B 79 -7.73 16.76 15.46
CA PHE B 79 -6.88 15.94 16.32
C PHE B 79 -7.56 14.64 16.68
N LEU B 80 -6.92 13.53 16.38
CA LEU B 80 -7.31 12.24 16.94
C LEU B 80 -6.38 11.94 18.11
N LYS B 81 -6.95 11.63 19.25
CA LYS B 81 -6.19 11.17 20.38
C LYS B 81 -6.71 9.81 20.81
N MET B 82 -5.83 8.94 21.28
CA MET B 82 -6.25 7.60 21.64
C MET B 82 -5.34 7.02 22.71
N ASN B 83 -5.96 6.61 23.81
CA ASN B 83 -5.28 6.06 24.97
C ASN B 83 -5.11 4.56 24.90
N SER B 84 -4.25 4.05 25.77
CA SER B 84 -4.11 2.62 26.04
C SER B 84 -3.93 1.80 24.77
N LEU B 85 -2.88 2.10 24.01
CA LEU B 85 -2.66 1.48 22.71
C LEU B 85 -2.28 0.02 22.81
N GLN B 86 -2.85 -0.78 21.91
CA GLN B 86 -2.58 -2.22 21.84
C GLN B 86 -1.88 -2.48 20.52
N THR B 87 -1.35 -3.69 20.36
CA THR B 87 -0.74 -4.09 19.09
C THR B 87 -1.77 -3.88 17.95
N ASP B 88 -2.97 -4.41 18.15
CA ASP B 88 -4.17 -4.17 17.34
C ASP B 88 -4.22 -2.80 16.67
N ASP B 89 -3.80 -1.75 17.37
CA ASP B 89 -3.95 -0.39 16.85
C ASP B 89 -2.94 -0.03 15.75
N THR B 90 -1.99 -0.91 15.47
CA THR B 90 -1.08 -0.69 14.34
C THR B 90 -1.91 -0.50 13.06
N ALA B 91 -1.82 0.69 12.46
CA ALA B 91 -2.57 0.96 11.24
C ALA B 91 -2.11 2.23 10.51
N VAL B 92 -2.61 2.42 9.30
CA VAL B 92 -2.54 3.70 8.60
C VAL B 92 -3.80 4.48 8.99
N TYR B 93 -3.64 5.70 9.47
CA TYR B 93 -4.76 6.55 9.83
C TYR B 93 -4.97 7.68 8.80
N TYR B 94 -6.15 7.70 8.20
CA TYR B 94 -6.52 8.74 7.25
C TYR B 94 -7.53 9.67 7.89
N CYS B 95 -7.43 10.94 7.53
CA CYS B 95 -8.55 11.85 7.66
C CYS B 95 -9.21 12.02 6.27
N ALA B 96 -10.52 12.30 6.28
CA ALA B 96 -11.27 12.50 5.04
C ALA B 96 -12.34 13.58 5.20
N LYS B 97 -12.43 14.44 4.18
CA LYS B 97 -13.37 15.53 4.20
C LYS B 97 -14.77 15.06 3.81
N HIS B 98 -15.79 15.63 4.43
CA HIS B 98 -17.17 15.39 4.07
C HIS B 98 -17.60 16.10 2.77
N TRP B 99 -18.29 15.35 1.90
CA TRP B 99 -18.85 15.99 0.69
C TRP B 99 -20.37 15.83 0.55
N GLY B 100 -21.07 16.95 0.44
CA GLY B 100 -22.47 16.94 0.05
C GLY B 100 -23.40 16.67 1.20
N GLY B 101 -24.69 16.66 0.92
CA GLY B 101 -25.70 16.48 1.96
C GLY B 101 -25.84 17.63 2.96
N TYR B 102 -26.93 17.59 3.73
CA TYR B 102 -27.29 18.58 4.75
C TYR B 102 -26.62 18.21 6.10
N TYR B 103 -27.14 17.20 6.79
CA TYR B 103 -26.58 16.75 8.06
C TYR B 103 -26.03 15.32 8.00
N ILE B 104 -26.08 14.69 6.83
CA ILE B 104 -25.32 13.44 6.58
C ILE B 104 -24.61 13.59 5.23
N PRO B 105 -23.26 13.52 5.22
CA PRO B 105 -22.48 13.71 3.98
C PRO B 105 -22.85 12.68 2.92
N TYR B 106 -22.83 13.06 1.64
CA TYR B 106 -23.04 12.08 0.55
C TYR B 106 -21.87 11.16 0.38
N GLY B 107 -20.66 11.64 0.69
CA GLY B 107 -19.46 10.82 0.53
C GLY B 107 -18.22 11.38 1.16
N MET B 108 -17.08 10.75 0.93
CA MET B 108 -15.80 11.33 1.40
C MET B 108 -14.96 11.73 0.22
N ASP B 109 -15.13 13.01 -0.08
CA ASP B 109 -14.47 13.87 -1.03
C ASP B 109 -13.01 13.61 -1.34
N HIS B 110 -12.18 13.96 -0.36
CA HIS B 110 -10.75 14.10 -0.46
C HIS B 110 -10.16 13.47 0.79
N TRP B 111 -9.08 12.75 0.59
CA TRP B 111 -8.44 12.05 1.69
C TRP B 111 -6.99 12.50 1.82
N GLY B 112 -6.48 12.47 3.06
CA GLY B 112 -5.05 12.56 3.27
C GLY B 112 -4.35 11.32 2.77
N GLN B 113 -3.02 11.40 2.69
CA GLN B 113 -2.18 10.29 2.26
C GLN B 113 -2.11 9.17 3.27
N GLY B 114 -2.56 9.44 4.49
CA GLY B 114 -2.36 8.53 5.61
C GLY B 114 -1.06 8.76 6.40
N THR B 115 -1.07 8.33 7.66
CA THR B 115 0.13 8.29 8.51
C THR B 115 0.19 6.91 9.16
N THR B 116 1.39 6.32 9.21
CA THR B 116 1.55 4.96 9.67
C THR B 116 1.96 4.92 11.14
N VAL B 117 1.24 4.11 11.90
CA VAL B 117 1.46 4.02 13.33
C VAL B 117 1.71 2.56 13.68
N THR B 118 2.91 2.28 14.21
CA THR B 118 3.23 0.97 14.75
C THR B 118 3.17 1.06 16.27
N VAL B 119 2.41 0.16 16.89
CA VAL B 119 2.39 0.06 18.35
C VAL B 119 3.36 -1.06 18.72
N SER B 120 4.49 -0.67 19.32
CA SER B 120 5.58 -1.60 19.61
C SER B 120 6.51 -1.04 20.71
N SER B 121 7.17 -1.91 21.44
CA SER B 121 8.13 -1.47 22.44
C SER B 121 9.59 -1.49 21.94
N ALA B 122 9.78 -1.72 20.64
CA ALA B 122 11.12 -1.68 20.07
C ALA B 122 11.49 -0.22 19.81
N SER B 123 12.78 0.03 19.60
CA SER B 123 13.19 1.41 19.34
C SER B 123 13.44 1.64 17.86
N THR B 124 13.59 2.91 17.50
CA THR B 124 13.69 3.36 16.12
C THR B 124 15.07 3.08 15.54
N LYS B 125 15.10 2.48 14.35
CA LYS B 125 16.35 2.23 13.65
C LYS B 125 16.26 2.71 12.22
N GLY B 126 17.24 3.54 11.84
CA GLY B 126 17.40 4.00 10.46
C GLY B 126 17.99 2.92 9.56
N PRO B 127 17.66 2.97 8.25
CA PRO B 127 18.12 1.92 7.35
C PRO B 127 19.56 2.09 6.89
N SER B 128 20.21 0.96 6.61
CA SER B 128 21.39 0.93 5.78
C SER B 128 20.93 0.80 4.34
N VAL B 129 21.60 1.52 3.44
CA VAL B 129 21.25 1.49 2.03
C VAL B 129 22.46 1.00 1.22
N PHE B 130 22.27 -0.11 0.51
CA PHE B 130 23.34 -0.70 -0.30
C PHE B 130 22.93 -0.72 -1.75
N PRO B 131 23.84 -0.39 -2.67
CA PRO B 131 23.48 -0.40 -4.09
C PRO B 131 23.24 -1.82 -4.65
N LEU B 132 22.38 -1.92 -5.65
CA LEU B 132 22.23 -3.13 -6.43
C LEU B 132 22.72 -2.72 -7.80
N ALA B 133 23.96 -3.13 -8.10
CA ALA B 133 24.73 -2.68 -9.25
C ALA B 133 24.40 -3.40 -10.57
N PRO B 134 24.18 -2.62 -11.65
CA PRO B 134 23.79 -3.11 -12.99
C PRO B 134 24.87 -3.93 -13.71
N GLY B 142 19.51 -4.59 -24.35
CA GLY B 142 19.57 -3.10 -24.33
C GLY B 142 18.85 -2.49 -23.11
N THR B 143 18.73 -3.28 -22.05
CA THR B 143 17.97 -2.91 -20.86
C THR B 143 18.75 -3.31 -19.62
N ALA B 144 18.99 -2.35 -18.75
CA ALA B 144 19.69 -2.65 -17.51
C ALA B 144 18.82 -2.41 -16.28
N ALA B 145 18.93 -3.30 -15.31
CA ALA B 145 18.28 -3.14 -14.03
C ALA B 145 19.32 -2.76 -12.97
N LEU B 146 19.00 -1.75 -12.17
CA LEU B 146 19.83 -1.40 -11.03
C LEU B 146 18.90 -1.13 -9.88
N GLY B 147 19.43 -1.08 -8.67
CA GLY B 147 18.56 -0.85 -7.52
C GLY B 147 19.24 -0.41 -6.25
N CYS B 148 18.46 -0.38 -5.19
CA CYS B 148 18.94 -0.08 -3.85
C CYS B 148 18.36 -1.10 -2.90
N LEU B 149 19.21 -1.65 -2.06
CA LEU B 149 18.72 -2.53 -1.01
C LEU B 149 18.65 -1.73 0.28
N VAL B 150 17.44 -1.63 0.84
CA VAL B 150 17.23 -0.77 2.00
C VAL B 150 16.87 -1.64 3.19
N LYS B 151 17.79 -1.66 4.15
CA LYS B 151 17.84 -2.76 5.10
C LYS B 151 17.87 -2.33 6.56
N ASP B 152 17.19 -3.13 7.37
CA ASP B 152 17.35 -3.09 8.82
C ASP B 152 16.90 -1.77 9.42
N TYR B 153 15.62 -1.48 9.23
CA TYR B 153 15.01 -0.28 9.78
C TYR B 153 13.71 -0.66 10.49
N PHE B 154 13.32 0.14 11.46
CA PHE B 154 12.07 -0.03 12.16
C PHE B 154 11.62 1.36 12.60
N PRO B 155 10.31 1.65 12.54
CA PRO B 155 9.21 0.92 11.88
C PRO B 155 9.00 1.39 10.45
N GLU B 156 7.92 0.93 9.81
CA GLU B 156 7.50 1.46 8.53
C GLU B 156 7.04 2.90 8.68
N PRO B 157 7.00 3.67 7.56
CA PRO B 157 7.48 3.32 6.22
C PRO B 157 8.86 3.90 5.87
N VAL B 158 9.41 3.44 4.75
CA VAL B 158 10.46 4.19 4.07
C VAL B 158 9.88 4.70 2.77
N THR B 159 10.39 5.82 2.28
CA THR B 159 10.01 6.32 0.95
C THR B 159 11.24 6.29 0.05
N VAL B 160 11.08 5.79 -1.16
CA VAL B 160 12.20 5.69 -2.09
C VAL B 160 11.86 6.35 -3.40
N SER B 161 12.76 7.20 -3.89
CA SER B 161 12.64 7.81 -5.21
C SER B 161 13.99 7.78 -5.91
N TRP B 162 13.99 7.99 -7.21
CA TRP B 162 15.22 8.00 -7.99
C TRP B 162 15.43 9.34 -8.65
N ASN B 163 16.65 9.86 -8.50
CA ASN B 163 17.04 11.12 -9.10
C ASN B 163 16.10 12.24 -8.67
N SER B 164 15.80 12.25 -7.37
CA SER B 164 14.95 13.25 -6.71
C SER B 164 13.53 13.36 -7.27
N GLY B 165 13.05 12.25 -7.82
CA GLY B 165 11.70 12.18 -8.38
C GLY B 165 11.62 12.40 -9.90
N ALA B 166 12.77 12.69 -10.51
CA ALA B 166 12.83 12.95 -11.94
C ALA B 166 12.55 11.68 -12.73
N LEU B 167 13.09 10.57 -12.23
CA LEU B 167 12.97 9.27 -12.89
C LEU B 167 11.91 8.44 -12.18
N THR B 168 10.83 8.21 -12.91
CA THR B 168 9.61 7.59 -12.42
C THR B 168 9.32 6.30 -13.18
N SER B 169 9.53 6.33 -14.48
CA SER B 169 9.17 5.22 -15.37
C SER B 169 9.99 3.97 -15.08
N GLY B 170 9.31 2.84 -14.97
CA GLY B 170 9.99 1.57 -14.71
C GLY B 170 10.57 1.47 -13.32
N VAL B 171 10.02 2.18 -12.36
CA VAL B 171 10.45 2.02 -10.98
C VAL B 171 9.56 1.01 -10.28
N HIS B 172 10.15 0.11 -9.51
CA HIS B 172 9.40 -0.82 -8.68
C HIS B 172 9.99 -0.77 -7.29
N THR B 173 9.29 -0.20 -6.33
CA THR B 173 9.70 -0.32 -4.92
C THR B 173 8.87 -1.42 -4.25
N PHE B 174 9.54 -2.50 -3.84
CA PHE B 174 8.82 -3.69 -3.30
C PHE B 174 8.27 -3.51 -1.89
N PRO B 175 7.14 -4.15 -1.57
CA PRO B 175 6.68 -4.12 -0.19
C PRO B 175 7.79 -4.61 0.75
N ALA B 176 7.92 -3.99 1.93
CA ALA B 176 8.83 -4.44 2.98
C ALA B 176 8.56 -5.87 3.41
N VAL B 177 9.59 -6.47 3.99
CA VAL B 177 9.50 -7.80 4.59
C VAL B 177 10.06 -7.67 6.00
N LEU B 178 9.46 -8.36 6.96
CA LEU B 178 9.94 -8.32 8.34
C LEU B 178 10.86 -9.51 8.59
N GLN B 179 12.08 -9.23 9.02
CA GLN B 179 13.11 -10.25 9.22
C GLN B 179 13.05 -10.81 10.63
N SER B 180 13.64 -12.00 10.83
CA SER B 180 13.71 -12.63 12.16
C SER B 180 14.30 -11.73 13.24
N SER B 181 14.89 -10.61 12.83
CA SER B 181 15.55 -9.67 13.72
C SER B 181 14.57 -8.62 14.21
N GLY B 182 13.38 -8.59 13.63
CA GLY B 182 12.36 -7.59 13.98
C GLY B 182 12.54 -6.31 13.19
N LEU B 183 13.50 -6.31 12.26
CA LEU B 183 13.77 -5.19 11.37
C LEU B 183 13.22 -5.42 9.98
N TYR B 184 12.86 -4.34 9.30
CA TYR B 184 12.34 -4.43 7.94
C TYR B 184 13.42 -4.28 6.88
N SER B 185 13.10 -4.72 5.68
CA SER B 185 14.03 -4.71 4.56
C SER B 185 13.28 -4.70 3.23
N LEU B 186 13.62 -3.76 2.37
CA LEU B 186 13.09 -3.78 1.02
C LEU B 186 14.14 -3.44 -0.01
N SER B 187 13.72 -3.53 -1.26
CA SER B 187 14.50 -3.02 -2.37
C SER B 187 13.60 -2.29 -3.37
N SER B 188 14.16 -1.25 -3.97
CA SER B 188 13.56 -0.50 -5.04
C SER B 188 14.48 -0.77 -6.20
N VAL B 189 13.91 -1.04 -7.38
CA VAL B 189 14.73 -1.24 -8.57
C VAL B 189 14.17 -0.43 -9.73
N VAL B 190 15.02 -0.11 -10.69
CA VAL B 190 14.59 0.59 -11.89
C VAL B 190 15.22 -0.01 -13.14
N THR B 191 14.43 -0.13 -14.20
CA THR B 191 14.91 -0.56 -15.50
C THR B 191 15.27 0.66 -16.35
N VAL B 192 16.49 0.66 -16.91
CA VAL B 192 17.02 1.80 -17.65
C VAL B 192 17.70 1.36 -18.96
N PRO B 193 17.87 2.30 -19.91
CA PRO B 193 18.60 1.95 -21.13
C PRO B 193 20.07 1.70 -20.83
N SER B 194 20.58 0.58 -21.34
CA SER B 194 21.99 0.20 -21.23
C SER B 194 22.97 1.29 -21.67
N SER B 195 22.66 1.96 -22.78
CA SER B 195 23.50 3.03 -23.32
C SER B 195 23.65 4.27 -22.42
N SER B 196 22.68 4.52 -21.54
CA SER B 196 22.74 5.69 -20.67
C SER B 196 23.63 5.48 -19.42
N LEU B 197 24.02 4.23 -19.19
CA LEU B 197 24.89 3.86 -18.06
C LEU B 197 26.24 4.56 -18.08
N GLY B 198 26.72 4.88 -19.28
CA GLY B 198 27.96 5.65 -19.43
C GLY B 198 27.75 7.15 -19.27
N THR B 199 26.56 7.62 -19.63
CA THR B 199 26.30 9.07 -19.68
C THR B 199 25.59 9.60 -18.46
N GLN B 200 24.65 8.84 -17.93
CA GLN B 200 23.83 9.32 -16.82
C GLN B 200 24.15 8.69 -15.46
N THR B 201 24.00 9.49 -14.40
CA THR B 201 24.14 9.01 -13.03
C THR B 201 22.78 8.70 -12.39
N TYR B 202 22.76 7.69 -11.54
CA TYR B 202 21.55 7.22 -10.86
C TYR B 202 21.77 7.15 -9.37
N ILE B 203 20.94 7.92 -8.65
CA ILE B 203 20.94 7.97 -7.19
C ILE B 203 19.55 7.60 -6.70
N CYS B 204 19.48 6.72 -5.70
CA CYS B 204 18.22 6.49 -5.00
C CYS B 204 18.16 7.36 -3.73
N ASN B 205 16.99 7.97 -3.50
CA ASN B 205 16.79 8.86 -2.36
C ASN B 205 15.91 8.16 -1.35
N VAL B 206 16.52 7.72 -0.26
CA VAL B 206 15.81 6.93 0.74
C VAL B 206 15.54 7.81 1.95
N ASN B 207 14.26 7.90 2.31
CA ASN B 207 13.84 8.74 3.44
C ASN B 207 13.05 7.91 4.47
N HIS B 208 13.52 7.96 5.73
CA HIS B 208 12.91 7.23 6.84
C HIS B 208 12.55 8.18 7.96
N LYS B 209 11.36 8.80 7.84
CA LYS B 209 10.89 9.84 8.79
C LYS B 209 10.90 9.50 10.28
N PRO B 210 10.60 8.25 10.67
CA PRO B 210 10.63 7.94 12.11
C PRO B 210 12.01 8.12 12.76
N SER B 211 13.08 8.00 11.97
CA SER B 211 14.42 8.19 12.50
C SER B 211 15.06 9.47 11.98
N ASN B 212 14.31 10.23 11.16
CA ASN B 212 14.84 11.40 10.47
C ASN B 212 16.13 11.11 9.70
N THR B 213 16.17 9.99 8.98
CA THR B 213 17.38 9.67 8.23
C THR B 213 17.12 9.75 6.73
N LYS B 214 17.83 10.66 6.06
CA LYS B 214 17.74 10.83 4.62
C LYS B 214 19.06 10.41 4.00
N VAL B 215 18.99 9.44 3.10
CA VAL B 215 20.19 8.87 2.48
C VAL B 215 20.04 8.90 0.96
N ASP B 216 21.09 9.37 0.31
CA ASP B 216 21.17 9.40 -1.15
C ASP B 216 22.28 8.44 -1.54
N LYS B 217 21.99 7.50 -2.43
CA LYS B 217 23.01 6.50 -2.82
C LYS B 217 23.25 6.45 -4.32
N LYS B 218 24.50 6.61 -4.73
CA LYS B 218 24.88 6.46 -6.13
C LYS B 218 25.06 4.98 -6.47
N VAL B 219 24.27 4.52 -7.45
CA VAL B 219 24.37 3.14 -7.92
C VAL B 219 25.20 3.14 -9.20
N GLU B 220 26.34 2.46 -9.15
CA GLU B 220 27.30 2.46 -10.25
C GLU B 220 27.60 1.05 -10.76
N PRO B 221 27.78 0.91 -12.09
CA PRO B 221 28.12 -0.32 -12.83
C PRO B 221 29.03 -1.30 -12.09
C8 BZH C . -22.46 9.19 7.87
C9 BZH C . -21.16 9.46 7.50
N1 BZH C . -20.56 9.46 6.31
C2 BZH C . -19.29 9.78 6.53
N10 BZH C . -18.40 9.87 5.56
N3 BZH C . -19.05 9.98 7.82
C4 BZH C . -20.20 9.78 8.47
C5 BZH C . -20.58 9.84 9.81
C6 BZH C . -21.90 9.57 10.18
C7 BZH C . -22.84 9.24 9.21
N11 BZH C . -24.13 8.96 9.49
C12 BZH C . -24.79 9.26 10.62
O19 BZH C . -24.31 9.80 11.62
C13 BZH C . -26.25 8.84 10.62
C14 BZH C . -27.12 9.73 11.50
C15 BZH C . -28.56 9.32 11.28
C16 BZH C . -29.53 10.21 12.08
O18 BZH C . -29.82 9.77 13.22
O17 BZH C . -29.93 11.27 11.53
C1 GOL D . -21.09 17.51 7.27
O1 GOL D . -19.73 17.71 6.91
C2 GOL D . -21.93 17.87 6.03
O2 GOL D . -22.82 16.77 5.89
C3 GOL D . -20.96 18.07 4.85
O3 GOL D . -21.60 17.91 3.59
#